data_4OTN
#
_entry.id   4OTN
#
_cell.length_a   85.494
_cell.length_b   85.494
_cell.length_c   73.041
_cell.angle_alpha   90.000
_cell.angle_beta   90.000
_cell.angle_gamma   120.000
#
_symmetry.space_group_name_H-M   'P 32 2 1'
#
loop_
_entity.id
_entity.type
_entity.pdbx_description
1 polymer 'Eukaryotic translation initiation factor 2-alpha kinase 4'
2 non-polymer 'SULFATE ION'
3 non-polymer 1,2-ETHANEDIOL
4 water water
#
_entity_poly.entity_id   1
_entity_poly.type   'polypeptide(L)'
_entity_poly.pdbx_seq_one_letter_code
;SFSNASGLFEIHGTTVVPTVSVISPEKLSASTRRRHEIQVQTRLQTTLANLHQKSSEIEILAVDLPKETILQFLSLEWDA
DEQAFNTTVKQLLSRLPKQRYLKLVCDEIYNIKVEKKVSVLFLYSYRDDYYRILF
;
_entity_poly.pdbx_strand_id   A,B
#
# COMPACT_ATOMS: atom_id res chain seq x y z
N GLY A 13 15.93 -8.63 19.62
CA GLY A 13 16.58 -8.03 18.47
C GLY A 13 16.79 -9.03 17.34
N THR A 14 16.12 -10.17 17.45
CA THR A 14 16.26 -11.22 16.44
C THR A 14 14.91 -11.73 15.94
N THR A 15 14.06 -12.20 16.85
CA THR A 15 12.74 -12.69 16.49
C THR A 15 11.63 -11.79 17.03
N VAL A 16 10.80 -11.29 16.11
CA VAL A 16 9.70 -10.40 16.46
C VAL A 16 8.35 -11.10 16.29
N VAL A 17 7.53 -11.04 17.33
CA VAL A 17 6.21 -11.65 17.31
C VAL A 17 5.11 -10.59 17.25
N PRO A 18 4.75 -10.15 16.04
CA PRO A 18 3.75 -9.08 15.93
C PRO A 18 2.36 -9.61 16.25
N THR A 19 1.52 -8.72 16.79
CA THR A 19 0.11 -9.02 17.03
C THR A 19 -0.55 -9.48 15.72
N VAL A 20 -1.39 -10.49 15.80
CA VAL A 20 -1.98 -11.05 14.58
C VAL A 20 -3.46 -11.38 14.80
N SER A 21 -4.28 -11.06 13.80
CA SER A 21 -5.70 -11.35 13.86
C SER A 21 -6.03 -12.20 12.66
N VAL A 22 -6.62 -13.37 12.90
CA VAL A 22 -7.05 -14.22 11.80
C VAL A 22 -8.56 -14.03 11.62
N ILE A 23 -8.95 -13.62 10.41
CA ILE A 23 -10.35 -13.43 10.07
C ILE A 23 -10.69 -14.39 8.94
N SER A 24 -11.58 -15.34 9.24
CA SER A 24 -11.87 -16.43 8.32
C SER A 24 -13.32 -16.42 7.88
N PRO A 25 -13.59 -16.92 6.67
CA PRO A 25 -14.94 -16.97 6.12
C PRO A 25 -15.84 -17.86 7.00
N GLU A 26 -15.30 -18.92 7.55
N GLU A 26 -15.24 -18.87 7.61
CA GLU A 26 -16.05 -19.73 8.50
CA GLU A 26 -15.95 -19.81 8.46
C GLU A 26 -15.26 -20.00 9.79
C GLU A 26 -15.22 -20.05 9.78
N LYS A 27 -15.99 -20.44 10.81
CA LYS A 27 -15.43 -20.73 12.13
C LYS A 27 -14.08 -21.47 12.09
N LEU A 28 -13.17 -21.07 12.96
N LEU A 28 -13.20 -21.05 13.02
CA LEU A 28 -11.85 -21.67 12.99
CA LEU A 28 -11.88 -21.65 13.12
C LEU A 28 -11.57 -22.40 14.32
C LEU A 28 -11.81 -22.50 14.38
N SER A 29 -11.20 -23.67 14.25
CA SER A 29 -10.77 -24.41 15.43
C SER A 29 -9.60 -23.66 16.07
N ALA A 30 -9.38 -23.83 17.38
CA ALA A 30 -8.24 -23.17 18.04
C ALA A 30 -6.93 -23.63 17.40
N SER A 31 -6.92 -24.89 16.96
N SER A 31 -6.91 -24.88 16.94
CA SER A 31 -5.75 -25.48 16.33
CA SER A 31 -5.71 -25.44 16.33
C SER A 31 -5.51 -24.86 14.94
C SER A 31 -5.49 -24.91 14.91
N THR A 32 -6.57 -24.73 14.16
CA THR A 32 -6.44 -24.12 12.83
C THR A 32 -6.01 -22.66 12.98
N ARG A 33 -6.63 -21.94 13.91
CA ARG A 33 -6.27 -20.53 14.14
C ARG A 33 -4.79 -20.42 14.51
N ARG A 34 -4.31 -21.30 15.39
CA ARG A 34 -2.90 -21.30 15.79
C ARG A 34 -1.98 -21.52 14.58
N ARG A 35 -2.35 -22.49 13.75
CA ARG A 35 -1.54 -22.84 12.60
C ARG A 35 -1.39 -21.63 11.67
N HIS A 36 -2.49 -20.92 11.44
CA HIS A 36 -2.43 -19.74 10.57
C HIS A 36 -1.58 -18.64 11.18
N GLU A 37 -1.74 -18.41 12.48
CA GLU A 37 -0.91 -17.42 13.15
C GLU A 37 0.58 -17.72 12.98
N ILE A 38 0.98 -18.95 13.24
CA ILE A 38 2.40 -19.30 13.13
C ILE A 38 2.87 -19.18 11.68
N GLN A 39 2.01 -19.56 10.75
CA GLN A 39 2.34 -19.41 9.36
C GLN A 39 2.69 -17.95 8.98
N VAL A 40 1.81 -17.02 9.32
N VAL A 40 1.80 -17.04 9.32
CA VAL A 40 2.05 -15.63 8.93
CA VAL A 40 1.98 -15.63 8.99
C VAL A 40 3.17 -14.97 9.75
C VAL A 40 3.17 -15.03 9.74
N GLN A 41 3.24 -15.27 11.04
CA GLN A 41 4.34 -14.73 11.87
C GLN A 41 5.70 -15.19 11.35
N THR A 42 5.77 -16.43 10.89
CA THR A 42 6.99 -16.99 10.34
C THR A 42 7.35 -16.39 8.99
N ARG A 43 6.37 -16.39 8.07
CA ARG A 43 6.62 -15.93 6.69
C ARG A 43 7.03 -14.45 6.63
N LEU A 44 6.62 -13.67 7.63
CA LEU A 44 6.90 -12.22 7.64
C LEU A 44 8.19 -11.82 8.34
N GLN A 45 8.88 -12.79 8.95
CA GLN A 45 10.07 -12.48 9.74
C GLN A 45 11.09 -11.61 9.01
N THR A 46 11.49 -12.03 7.82
CA THR A 46 12.48 -11.29 7.05
C THR A 46 12.01 -9.85 6.82
N THR A 47 10.80 -9.74 6.27
CA THR A 47 10.20 -8.43 6.01
C THR A 47 10.25 -7.52 7.24
N LEU A 48 9.74 -8.02 8.36
CA LEU A 48 9.72 -7.25 9.60
C LEU A 48 11.12 -6.82 10.05
N ALA A 49 12.12 -7.64 9.74
CA ALA A 49 13.48 -7.37 10.19
C ALA A 49 14.07 -6.22 9.40
N ASN A 50 13.85 -6.26 8.09
CA ASN A 50 14.35 -5.22 7.21
C ASN A 50 13.57 -3.92 7.34
N LEU A 51 12.63 -3.90 8.29
CA LEU A 51 11.75 -2.75 8.48
C LEU A 51 12.52 -1.61 9.15
N HIS A 52 13.62 -1.96 9.82
CA HIS A 52 14.46 -0.97 10.48
C HIS A 52 15.63 -0.59 9.58
N GLN A 53 15.64 -1.17 8.38
CA GLN A 53 16.61 -0.81 7.35
C GLN A 53 16.17 0.45 6.60
N LYS A 54 14.90 0.80 6.74
CA LYS A 54 14.35 1.93 5.99
C LYS A 54 14.71 3.26 6.64
N SER A 55 14.94 4.27 5.80
CA SER A 55 15.22 5.61 6.33
C SER A 55 13.93 6.36 6.63
N SER A 56 14.01 7.33 7.55
CA SER A 56 12.83 8.00 8.08
C SER A 56 12.30 9.08 7.14
N GLU A 57 12.99 9.29 6.02
N GLU A 57 12.99 9.24 6.02
CA GLU A 57 12.63 10.36 5.10
CA GLU A 57 12.64 10.22 5.01
C GLU A 57 11.35 10.06 4.31
C GLU A 57 11.21 10.02 4.47
N ILE A 58 10.57 11.12 4.08
CA ILE A 58 9.32 11.04 3.34
C ILE A 58 9.63 11.67 2.00
N GLU A 59 9.05 11.10 0.94
N GLU A 59 9.07 11.10 0.93
CA GLU A 59 9.21 11.65 -0.40
CA GLU A 59 9.22 11.69 -0.39
C GLU A 59 7.88 11.66 -1.14
C GLU A 59 7.90 11.63 -1.16
N ILE A 60 7.75 12.56 -2.11
CA ILE A 60 6.58 12.63 -2.96
C ILE A 60 7.03 12.50 -4.42
N LEU A 61 6.29 11.71 -5.18
CA LEU A 61 6.54 11.55 -6.62
C LEU A 61 5.23 11.83 -7.33
N ALA A 62 5.22 12.90 -8.12
CA ALA A 62 4.02 13.38 -8.79
C ALA A 62 4.08 12.98 -10.27
N VAL A 63 2.98 12.41 -10.75
CA VAL A 63 2.95 11.76 -12.04
C VAL A 63 1.63 12.07 -12.72
N ASP A 64 1.62 11.93 -14.04
CA ASP A 64 0.41 12.14 -14.80
C ASP A 64 -0.18 10.78 -15.15
N LEU A 65 -0.82 10.13 -14.18
CA LEU A 65 -1.44 8.82 -14.36
C LEU A 65 -2.75 8.82 -13.63
N PRO A 66 -3.73 8.07 -14.13
CA PRO A 66 -5.02 8.10 -13.43
C PRO A 66 -4.97 7.27 -12.18
N LYS A 67 -5.95 7.49 -11.31
CA LYS A 67 -6.12 6.72 -10.07
C LYS A 67 -5.99 5.22 -10.29
N GLU A 68 -6.62 4.70 -11.33
N GLU A 68 -6.62 4.69 -11.33
CA GLU A 68 -6.59 3.27 -11.61
CA GLU A 68 -6.55 3.26 -11.59
C GLU A 68 -5.17 2.75 -11.84
C GLU A 68 -5.12 2.79 -11.75
N THR A 69 -4.33 3.55 -12.52
CA THR A 69 -2.96 3.17 -12.75
C THR A 69 -2.15 3.30 -11.45
N ILE A 70 -2.37 4.37 -10.70
CA ILE A 70 -1.73 4.52 -9.40
C ILE A 70 -1.95 3.23 -8.59
N LEU A 71 -3.18 2.76 -8.53
CA LEU A 71 -3.50 1.57 -7.76
C LEU A 71 -2.75 0.33 -8.25
N GLN A 72 -2.58 0.20 -9.57
N GLN A 72 -2.53 0.22 -9.56
CA GLN A 72 -1.80 -0.91 -10.14
CA GLN A 72 -1.79 -0.94 -10.09
C GLN A 72 -0.36 -0.90 -9.66
C GLN A 72 -0.32 -0.91 -9.69
N PHE A 73 0.22 0.29 -9.52
CA PHE A 73 1.61 0.42 -9.10
C PHE A 73 1.84 -0.10 -7.69
N LEU A 74 0.77 -0.25 -6.92
CA LEU A 74 0.89 -0.76 -5.56
C LEU A 74 1.23 -2.27 -5.50
N SER A 75 1.22 -2.92 -6.65
CA SER A 75 1.63 -4.32 -6.74
C SER A 75 3.17 -4.50 -6.83
N LEU A 76 3.92 -3.42 -6.99
CA LEU A 76 5.38 -3.55 -7.12
C LEU A 76 5.97 -4.06 -5.82
N GLU A 77 7.03 -4.86 -5.91
CA GLU A 77 7.67 -5.42 -4.72
C GLU A 77 9.04 -4.80 -4.53
N TRP A 78 9.16 -3.93 -3.52
CA TRP A 78 10.38 -3.16 -3.32
C TRP A 78 11.05 -3.51 -2.01
N ASP A 79 10.56 -4.52 -1.30
N ASP A 79 10.52 -4.54 -1.33
CA ASP A 79 11.17 -4.83 0.00
CA ASP A 79 11.05 -4.94 -0.04
C ASP A 79 12.13 -6.02 0.00
C ASP A 79 11.76 -6.29 -0.07
N ALA A 80 12.45 -6.54 -1.19
CA ALA A 80 13.34 -7.69 -1.31
C ALA A 80 14.47 -7.39 -2.29
N ASP A 81 14.62 -8.31 -3.24
CA ASP A 81 15.60 -8.20 -4.32
C ASP A 81 15.31 -7.06 -5.29
N GLU A 82 16.34 -6.59 -5.97
CA GLU A 82 16.14 -5.87 -7.22
C GLU A 82 15.48 -6.81 -8.23
N GLN A 83 15.78 -8.10 -8.07
CA GLN A 83 15.18 -9.13 -8.91
C GLN A 83 13.66 -9.15 -8.73
N ALA A 84 13.21 -9.15 -7.48
CA ALA A 84 11.77 -9.26 -7.23
C ALA A 84 11.08 -7.99 -7.69
N PHE A 85 11.77 -6.86 -7.61
CA PHE A 85 11.21 -5.62 -8.09
C PHE A 85 11.01 -5.67 -9.59
N ASN A 86 12.08 -6.04 -10.32
CA ASN A 86 12.05 -6.07 -11.76
C ASN A 86 11.00 -7.04 -12.31
N THR A 87 10.79 -8.15 -11.61
CA THR A 87 9.72 -9.10 -11.95
C THR A 87 8.33 -8.45 -11.85
N THR A 88 8.07 -7.70 -10.77
CA THR A 88 6.78 -7.02 -10.66
C THR A 88 6.63 -5.90 -11.67
N VAL A 89 7.73 -5.26 -12.04
CA VAL A 89 7.70 -4.24 -13.09
C VAL A 89 7.28 -4.84 -14.43
N LYS A 90 7.90 -5.96 -14.80
CA LYS A 90 7.56 -6.64 -16.05
C LYS A 90 6.09 -7.04 -16.11
N GLN A 91 5.57 -7.54 -14.99
CA GLN A 91 4.17 -7.94 -14.91
C GLN A 91 3.24 -6.73 -15.02
N LEU A 92 3.60 -5.64 -14.34
CA LEU A 92 2.82 -4.41 -14.38
C LEU A 92 2.77 -3.87 -15.81
N LEU A 93 3.94 -3.75 -16.42
CA LEU A 93 4.03 -3.17 -17.76
C LEU A 93 3.37 -4.04 -18.83
N SER A 94 3.39 -5.34 -18.61
CA SER A 94 2.81 -6.27 -19.58
C SER A 94 1.27 -6.22 -19.60
N ARG A 95 0.67 -5.59 -18.60
N ARG A 95 0.69 -5.58 -18.58
CA ARG A 95 -0.79 -5.53 -18.52
CA ARG A 95 -0.76 -5.50 -18.42
C ARG A 95 -1.33 -4.13 -18.77
C ARG A 95 -1.36 -4.18 -18.93
N LEU A 96 -0.49 -3.26 -19.30
CA LEU A 96 -0.91 -1.90 -19.65
C LEU A 96 -0.37 -1.58 -21.03
N PRO A 97 -1.03 -0.67 -21.75
CA PRO A 97 -0.50 -0.36 -23.07
C PRO A 97 0.97 0.03 -22.99
N LYS A 98 1.75 -0.40 -23.98
CA LYS A 98 3.18 -0.06 -24.07
C LYS A 98 3.45 1.44 -24.03
N GLN A 99 4.23 1.87 -23.05
N GLN A 99 4.24 1.89 -23.06
N GLN A 99 4.27 1.89 -23.09
CA GLN A 99 4.61 3.27 -22.88
CA GLN A 99 4.62 3.29 -22.95
CA GLN A 99 4.57 3.31 -22.92
C GLN A 99 5.96 3.39 -22.18
C GLN A 99 5.93 3.43 -22.17
C GLN A 99 5.89 3.51 -22.13
N ARG A 100 6.86 4.21 -22.74
CA ARG A 100 8.14 4.45 -22.10
C ARG A 100 7.96 5.13 -20.73
N TYR A 101 7.01 6.05 -20.64
CA TYR A 101 6.72 6.78 -19.40
C TYR A 101 6.53 5.87 -18.17
N LEU A 102 5.75 4.81 -18.32
CA LEU A 102 5.52 3.84 -17.23
C LEU A 102 6.82 3.30 -16.63
N LYS A 103 7.73 2.86 -17.50
CA LYS A 103 9.02 2.35 -17.04
C LYS A 103 9.83 3.44 -16.33
N LEU A 104 9.81 4.65 -16.88
CA LEU A 104 10.46 5.80 -16.25
C LEU A 104 9.94 6.04 -14.83
N VAL A 105 8.63 5.97 -14.66
CA VAL A 105 8.05 6.04 -13.32
C VAL A 105 8.55 4.89 -12.44
N CYS A 106 8.56 3.67 -12.96
CA CYS A 106 9.03 2.52 -12.20
C CYS A 106 10.49 2.72 -11.73
N ASP A 107 11.29 3.30 -12.60
CA ASP A 107 12.72 3.54 -12.33
C ASP A 107 12.91 4.46 -11.12
N GLU A 108 12.09 5.50 -11.06
N GLU A 108 12.11 5.51 -11.04
CA GLU A 108 12.15 6.45 -9.95
CA GLU A 108 12.22 6.43 -9.90
C GLU A 108 11.67 5.82 -8.65
C GLU A 108 11.69 5.79 -8.62
N ILE A 109 10.67 4.95 -8.74
CA ILE A 109 10.21 4.21 -7.58
C ILE A 109 11.33 3.28 -7.05
N TYR A 110 12.06 2.65 -7.96
CA TYR A 110 13.16 1.77 -7.58
C TYR A 110 14.22 2.57 -6.81
N ASN A 111 14.62 3.69 -7.39
CA ASN A 111 15.61 4.57 -6.78
C ASN A 111 15.17 5.04 -5.39
N ILE A 112 13.90 5.46 -5.28
CA ILE A 112 13.39 5.95 -4.01
C ILE A 112 13.23 4.85 -2.97
N LYS A 113 12.55 3.76 -3.34
CA LYS A 113 12.15 2.75 -2.37
C LYS A 113 13.24 1.71 -2.08
N VAL A 114 14.00 1.34 -3.11
CA VAL A 114 15.01 0.30 -2.96
C VAL A 114 16.41 0.88 -2.74
N GLU A 115 16.86 1.74 -3.64
CA GLU A 115 18.20 2.31 -3.52
C GLU A 115 18.31 3.22 -2.30
N LYS A 116 17.41 4.21 -2.17
CA LYS A 116 17.48 5.12 -1.02
C LYS A 116 16.72 4.63 0.21
N LYS A 117 15.96 3.54 0.07
CA LYS A 117 15.26 2.92 1.20
C LYS A 117 14.30 3.86 1.93
N VAL A 118 13.71 4.79 1.19
CA VAL A 118 12.73 5.69 1.77
C VAL A 118 11.52 4.91 2.30
N SER A 119 11.12 5.17 3.53
CA SER A 119 10.00 4.43 4.13
C SER A 119 8.62 4.86 3.63
N VAL A 120 8.42 6.17 3.50
CA VAL A 120 7.13 6.69 3.11
C VAL A 120 7.20 7.44 1.79
N LEU A 121 6.60 6.87 0.75
CA LEU A 121 6.60 7.53 -0.57
C LEU A 121 5.19 7.79 -1.00
N PHE A 122 4.86 9.04 -1.20
CA PHE A 122 3.55 9.43 -1.72
C PHE A 122 3.59 9.39 -3.25
N LEU A 123 2.82 8.49 -3.85
CA LEU A 123 2.72 8.42 -5.31
C LEU A 123 1.45 9.19 -5.67
N TYR A 124 1.64 10.32 -6.32
CA TYR A 124 0.59 11.32 -6.43
C TYR A 124 0.26 11.66 -7.89
N SER A 125 -1.00 11.49 -8.26
CA SER A 125 -1.43 11.88 -9.59
C SER A 125 -1.80 13.36 -9.61
N TYR A 126 -1.03 14.18 -10.32
CA TYR A 126 -1.40 15.58 -10.45
C TYR A 126 -2.52 15.80 -11.47
N ARG A 127 -2.90 14.73 -12.16
CA ARG A 127 -4.05 14.77 -13.03
C ARG A 127 -5.36 14.52 -12.29
N ASP A 128 -5.39 13.48 -11.47
CA ASP A 128 -6.62 13.13 -10.77
C ASP A 128 -6.64 13.66 -9.32
N ASP A 129 -5.56 14.29 -8.86
N ASP A 129 -5.55 14.30 -8.91
CA ASP A 129 -5.51 14.70 -7.47
CA ASP A 129 -5.31 14.67 -7.50
C ASP A 129 -5.77 13.46 -6.59
C ASP A 129 -5.63 13.54 -6.54
N TYR A 130 -4.97 12.41 -6.78
CA TYR A 130 -5.19 11.15 -6.06
C TYR A 130 -3.83 10.60 -5.66
N TYR A 131 -3.66 10.23 -4.40
CA TYR A 131 -2.39 9.60 -4.00
C TYR A 131 -2.62 8.28 -3.27
N ARG A 132 -1.56 7.47 -3.24
CA ARG A 132 -1.49 6.31 -2.37
C ARG A 132 -0.08 6.32 -1.82
N ILE A 133 0.10 5.67 -0.67
CA ILE A 133 1.42 5.63 -0.05
C ILE A 133 2.07 4.26 -0.30
N LEU A 134 3.30 4.26 -0.79
CA LEU A 134 4.07 3.03 -0.97
C LEU A 134 5.00 2.95 0.21
N PHE A 135 4.72 2.00 1.10
CA PHE A 135 5.51 1.82 2.31
C PHE A 135 6.32 0.53 2.23
N VAL B 17 8.26 19.75 5.01
CA VAL B 17 8.20 19.72 3.55
C VAL B 17 9.10 18.62 2.98
N PRO B 18 8.49 17.49 2.57
CA PRO B 18 9.27 16.36 2.05
C PRO B 18 9.95 16.66 0.71
N THR B 19 10.93 15.83 0.35
CA THR B 19 11.49 15.85 -0.99
C THR B 19 10.34 15.62 -1.98
N VAL B 20 10.34 16.37 -3.08
CA VAL B 20 9.32 16.16 -4.12
C VAL B 20 9.97 16.17 -5.50
N SER B 21 9.46 15.35 -6.40
CA SER B 21 9.90 15.45 -7.78
C SER B 21 8.72 15.15 -8.68
N VAL B 22 8.73 15.76 -9.85
CA VAL B 22 7.68 15.56 -10.82
C VAL B 22 8.30 14.80 -12.00
N ILE B 23 7.64 13.74 -12.42
CA ILE B 23 8.03 13.06 -13.65
C ILE B 23 6.83 13.05 -14.58
N SER B 24 7.01 13.63 -15.76
CA SER B 24 5.90 13.89 -16.67
C SER B 24 6.18 13.22 -18.02
N PRO B 25 5.12 12.89 -18.76
CA PRO B 25 5.27 12.19 -20.05
C PRO B 25 5.92 13.06 -21.11
N GLU B 26 5.67 14.37 -21.08
CA GLU B 26 6.29 15.32 -22.01
C GLU B 26 7.18 16.33 -21.26
N LYS B 27 8.06 17.00 -22.01
CA LYS B 27 8.92 18.02 -21.41
C LYS B 27 8.08 19.05 -20.66
N LEU B 28 8.56 19.45 -19.48
CA LEU B 28 7.88 20.50 -18.72
C LEU B 28 8.72 21.78 -18.68
N SER B 29 8.02 22.90 -18.72
CA SER B 29 8.61 24.19 -18.43
C SER B 29 8.98 24.27 -16.94
N ALA B 30 9.94 25.12 -16.60
CA ALA B 30 10.28 25.37 -15.20
C ALA B 30 9.05 25.79 -14.40
N SER B 31 8.19 26.64 -14.96
CA SER B 31 7.04 27.14 -14.22
C SER B 31 5.92 26.10 -14.06
N THR B 32 5.67 25.30 -15.10
CA THR B 32 4.71 24.23 -14.94
C THR B 32 5.23 23.26 -13.86
N ARG B 33 6.51 22.95 -13.96
CA ARG B 33 7.11 22.00 -13.02
C ARG B 33 7.01 22.49 -11.58
N ARG B 34 7.24 23.77 -11.35
N ARG B 34 7.25 23.77 -11.33
CA ARG B 34 7.21 24.33 -10.00
CA ARG B 34 7.20 24.27 -9.94
C ARG B 34 5.79 24.37 -9.46
C ARG B 34 5.78 24.37 -9.44
N ARG B 35 4.83 24.68 -10.34
CA ARG B 35 3.42 24.73 -9.96
C ARG B 35 2.91 23.36 -9.46
N HIS B 36 3.21 22.29 -10.20
CA HIS B 36 2.91 20.93 -9.76
C HIS B 36 3.55 20.60 -8.40
N GLU B 37 4.82 20.92 -8.25
CA GLU B 37 5.55 20.72 -7.00
C GLU B 37 4.82 21.41 -5.84
N ILE B 38 4.48 22.70 -6.00
CA ILE B 38 3.77 23.41 -4.94
C ILE B 38 2.35 22.85 -4.76
N GLN B 39 1.62 22.68 -5.86
CA GLN B 39 0.30 22.07 -5.82
C GLN B 39 0.26 20.81 -4.94
N VAL B 40 1.15 19.86 -5.21
N VAL B 40 1.15 19.87 -5.23
CA VAL B 40 1.10 18.60 -4.46
CA VAL B 40 1.18 18.61 -4.52
C VAL B 40 1.54 18.78 -3.01
C VAL B 40 1.54 18.81 -3.04
N GLN B 41 2.57 19.60 -2.79
CA GLN B 41 3.04 19.87 -1.41
C GLN B 41 1.88 20.39 -0.57
N THR B 42 1.13 21.32 -1.15
CA THR B 42 0.01 21.97 -0.49
C THR B 42 -1.12 20.98 -0.20
N ARG B 43 -1.48 20.16 -1.19
CA ARG B 43 -2.56 19.20 -1.04
C ARG B 43 -2.26 18.12 -0.02
N LEU B 44 -0.97 17.86 0.20
CA LEU B 44 -0.54 16.86 1.17
C LEU B 44 -0.24 17.39 2.59
N GLN B 45 -0.22 18.71 2.76
CA GLN B 45 0.18 19.32 4.05
C GLN B 45 -0.55 18.67 5.23
N THR B 46 -1.88 18.67 5.16
CA THR B 46 -2.75 18.09 6.19
C THR B 46 -2.43 16.62 6.49
N THR B 47 -2.36 15.81 5.45
CA THR B 47 -2.06 14.39 5.60
C THR B 47 -0.74 14.19 6.32
N LEU B 48 0.30 14.87 5.84
CA LEU B 48 1.62 14.82 6.46
C LEU B 48 1.55 15.22 7.94
N ALA B 49 0.85 16.31 8.22
CA ALA B 49 0.69 16.76 9.60
C ALA B 49 0.08 15.66 10.48
N ASN B 50 -0.93 14.97 9.93
CA ASN B 50 -1.63 13.91 10.64
C ASN B 50 -0.81 12.66 10.83
N LEU B 51 0.21 12.51 10.01
CA LEU B 51 1.05 11.33 10.01
C LEU B 51 1.52 10.97 11.43
N HIS B 52 1.60 11.96 12.30
CA HIS B 52 2.15 11.72 13.62
C HIS B 52 1.12 11.39 14.71
N GLN B 53 -0.15 11.51 14.36
CA GLN B 53 -1.26 11.04 15.20
C GLN B 53 -1.34 9.49 15.20
N LYS B 54 -0.53 8.86 14.35
CA LYS B 54 -0.51 7.38 14.23
C LYS B 54 0.40 6.74 15.30
N SER B 55 -0.02 5.59 15.81
CA SER B 55 0.80 4.83 16.75
C SER B 55 1.78 3.91 16.01
N SER B 56 3.00 3.79 16.54
CA SER B 56 4.10 3.08 15.88
C SER B 56 3.95 1.56 15.87
N GLU B 57 2.76 1.09 16.24
N GLU B 57 2.78 1.07 16.27
CA GLU B 57 2.47 -0.35 16.30
CA GLU B 57 2.54 -0.36 16.33
C GLU B 57 2.56 -1.00 14.93
C GLU B 57 2.48 -1.02 14.96
N ILE B 58 2.76 -2.31 14.94
CA ILE B 58 2.65 -3.13 13.74
C ILE B 58 1.60 -4.19 14.05
N GLU B 59 0.61 -4.35 13.19
CA GLU B 59 -0.31 -5.47 13.32
C GLU B 59 -0.34 -6.29 12.03
N ILE B 60 -0.86 -7.50 12.15
CA ILE B 60 -1.05 -8.35 10.99
C ILE B 60 -2.52 -8.75 10.94
N LEU B 61 -3.10 -8.69 9.74
CA LEU B 61 -4.44 -9.22 9.53
C LEU B 61 -4.34 -10.34 8.49
N ALA B 62 -4.70 -11.55 8.89
CA ALA B 62 -4.51 -12.73 8.05
C ALA B 62 -5.88 -13.15 7.55
N VAL B 63 -6.00 -13.30 6.24
N VAL B 63 -6.02 -13.28 6.24
CA VAL B 63 -7.32 -13.46 5.62
CA VAL B 63 -7.34 -13.51 5.65
C VAL B 63 -7.30 -14.54 4.54
C VAL B 63 -7.30 -14.59 4.59
N ASP B 64 -8.46 -15.13 4.28
CA ASP B 64 -8.59 -16.14 3.23
C ASP B 64 -9.07 -15.48 1.95
N LEU B 65 -8.19 -14.77 1.24
CA LEU B 65 -8.53 -14.09 -0.02
C LEU B 65 -7.35 -14.13 -1.01
N PRO B 66 -7.65 -14.23 -2.32
CA PRO B 66 -6.53 -14.29 -3.28
C PRO B 66 -5.76 -13.00 -3.36
N LYS B 67 -4.54 -13.09 -3.89
CA LYS B 67 -3.67 -11.95 -4.13
C LYS B 67 -4.42 -10.80 -4.78
N GLU B 68 -5.19 -11.10 -5.82
CA GLU B 68 -5.84 -10.04 -6.56
C GLU B 68 -6.79 -9.24 -5.66
N THR B 69 -7.46 -9.91 -4.73
CA THR B 69 -8.40 -9.23 -3.84
C THR B 69 -7.64 -8.38 -2.82
N ILE B 70 -6.54 -8.92 -2.30
CA ILE B 70 -5.71 -8.15 -1.37
C ILE B 70 -5.36 -6.81 -2.02
N LEU B 71 -4.97 -6.86 -3.28
CA LEU B 71 -4.65 -5.65 -4.02
C LEU B 71 -5.81 -4.65 -4.06
N GLN B 72 -7.04 -5.15 -4.23
CA GLN B 72 -8.22 -4.27 -4.27
C GLN B 72 -8.42 -3.53 -2.96
N PHE B 73 -8.11 -4.19 -1.86
CA PHE B 73 -8.25 -3.57 -0.55
C PHE B 73 -7.37 -2.33 -0.33
N LEU B 74 -6.34 -2.16 -1.16
CA LEU B 74 -5.46 -1.00 -1.05
C LEU B 74 -6.12 0.29 -1.53
N SER B 75 -7.31 0.20 -2.10
CA SER B 75 -8.06 1.38 -2.53
C SER B 75 -8.85 2.02 -1.38
N LEU B 76 -8.86 1.35 -0.23
CA LEU B 76 -9.55 1.89 0.95
C LEU B 76 -8.89 3.16 1.43
N GLU B 77 -9.69 4.13 1.85
CA GLU B 77 -9.15 5.41 2.28
C GLU B 77 -9.38 5.57 3.78
N TRP B 78 -8.32 5.35 4.56
CA TRP B 78 -8.41 5.33 6.02
C TRP B 78 -7.69 6.51 6.64
N ASP B 79 -7.25 7.46 5.82
N ASP B 79 -7.27 7.47 5.81
CA ASP B 79 -6.48 8.59 6.33
CA ASP B 79 -6.47 8.62 6.24
C ASP B 79 -7.19 9.94 6.12
C ASP B 79 -7.29 9.90 6.40
N ALA B 80 -8.50 9.89 5.86
CA ALA B 80 -9.30 11.10 5.76
C ALA B 80 -10.35 11.14 6.87
N ASP B 81 -11.63 11.20 6.51
CA ASP B 81 -12.70 11.11 7.50
C ASP B 81 -13.48 9.81 7.33
N GLU B 82 -14.52 9.61 8.13
CA GLU B 82 -15.24 8.34 8.10
C GLU B 82 -16.03 8.17 6.81
N GLN B 83 -16.46 9.30 6.24
CA GLN B 83 -17.25 9.26 5.03
C GLN B 83 -16.40 8.70 3.88
N ALA B 84 -15.15 9.12 3.82
CA ALA B 84 -14.25 8.64 2.77
C ALA B 84 -14.00 7.14 2.92
N PHE B 85 -13.81 6.68 4.17
CA PHE B 85 -13.66 5.25 4.38
C PHE B 85 -14.90 4.52 3.88
N ASN B 86 -16.07 4.95 4.33
CA ASN B 86 -17.29 4.26 3.97
C ASN B 86 -17.52 4.23 2.46
N THR B 87 -17.22 5.34 1.81
CA THR B 87 -17.39 5.42 0.36
C THR B 87 -16.51 4.38 -0.34
N THR B 88 -15.23 4.28 0.05
CA THR B 88 -14.34 3.34 -0.62
C THR B 88 -14.70 1.89 -0.30
N VAL B 89 -15.25 1.65 0.89
CA VAL B 89 -15.78 0.31 1.20
C VAL B 89 -16.95 -0.04 0.29
N LYS B 90 -17.88 0.90 0.15
CA LYS B 90 -19.05 0.69 -0.70
C LYS B 90 -18.63 0.36 -2.14
N GLN B 91 -17.68 1.14 -2.66
CA GLN B 91 -17.16 0.96 -4.02
C GLN B 91 -16.46 -0.39 -4.17
N LEU B 92 -15.65 -0.74 -3.18
N LEU B 92 -15.65 -0.75 -3.17
CA LEU B 92 -14.94 -2.01 -3.17
CA LEU B 92 -14.95 -2.03 -3.21
C LEU B 92 -15.94 -3.17 -3.22
C LEU B 92 -15.93 -3.18 -3.22
N LEU B 93 -16.89 -3.14 -2.30
CA LEU B 93 -17.85 -4.22 -2.14
C LEU B 93 -18.76 -4.36 -3.38
N SER B 94 -19.06 -3.23 -4.02
CA SER B 94 -19.98 -3.27 -5.17
C SER B 94 -19.32 -3.89 -6.40
N ARG B 95 -17.99 -3.90 -6.42
CA ARG B 95 -17.26 -4.42 -7.55
C ARG B 95 -16.81 -5.89 -7.41
N LEU B 96 -17.25 -6.53 -6.33
CA LEU B 96 -16.89 -7.92 -6.06
C LEU B 96 -18.15 -8.67 -5.70
N PRO B 97 -18.18 -9.97 -6.01
CA PRO B 97 -19.38 -10.76 -5.71
C PRO B 97 -19.80 -10.56 -4.25
N LYS B 98 -21.10 -10.40 -4.00
CA LYS B 98 -21.64 -10.18 -2.65
C LYS B 98 -21.20 -11.25 -1.67
N GLN B 99 -20.57 -10.83 -0.59
CA GLN B 99 -20.06 -11.74 0.42
C GLN B 99 -19.88 -11.00 1.74
N ARG B 100 -20.59 -11.44 2.78
N ARG B 100 -20.61 -11.41 2.78
CA ARG B 100 -20.51 -10.81 4.09
CA ARG B 100 -20.50 -10.79 4.10
C ARG B 100 -19.07 -10.80 4.62
C ARG B 100 -19.07 -10.79 4.62
N TYR B 101 -18.29 -11.79 4.21
CA TYR B 101 -16.89 -11.90 4.66
C TYR B 101 -16.01 -10.68 4.29
N LEU B 102 -16.22 -10.14 3.10
CA LEU B 102 -15.50 -8.96 2.64
C LEU B 102 -15.77 -7.78 3.56
N LYS B 103 -17.02 -7.67 3.99
CA LYS B 103 -17.42 -6.56 4.85
C LYS B 103 -16.75 -6.69 6.20
N LEU B 104 -16.65 -7.93 6.69
CA LEU B 104 -16.01 -8.17 7.98
C LEU B 104 -14.53 -7.84 7.91
N VAL B 105 -13.92 -8.17 6.77
CA VAL B 105 -12.52 -7.79 6.57
C VAL B 105 -12.35 -6.28 6.61
N CYS B 106 -13.24 -5.53 5.94
CA CYS B 106 -13.19 -4.07 5.98
C CYS B 106 -13.39 -3.52 7.40
N ASP B 107 -14.29 -4.14 8.15
CA ASP B 107 -14.57 -3.68 9.52
C ASP B 107 -13.30 -3.73 10.39
N GLU B 108 -12.59 -4.85 10.29
CA GLU B 108 -11.33 -5.06 11.02
C GLU B 108 -10.25 -4.09 10.60
N ILE B 109 -10.16 -3.81 9.30
CA ILE B 109 -9.27 -2.78 8.80
C ILE B 109 -9.62 -1.40 9.40
N TYR B 110 -10.92 -1.12 9.51
CA TYR B 110 -11.35 0.13 10.09
C TYR B 110 -10.91 0.21 11.55
N ASN B 111 -11.21 -0.84 12.30
CA ASN B 111 -10.83 -0.91 13.72
C ASN B 111 -9.32 -0.71 13.90
N ILE B 112 -8.52 -1.42 13.11
CA ILE B 112 -7.06 -1.35 13.20
C ILE B 112 -6.49 -0.01 12.72
N LYS B 113 -6.90 0.45 11.54
CA LYS B 113 -6.26 1.60 10.89
C LYS B 113 -6.81 2.94 11.38
N VAL B 114 -8.10 2.98 11.68
CA VAL B 114 -8.74 4.22 12.03
C VAL B 114 -8.87 4.37 13.55
N GLU B 115 -9.55 3.40 14.18
CA GLU B 115 -9.79 3.48 15.62
C GLU B 115 -8.49 3.37 16.42
N LYS B 116 -7.66 2.38 16.09
CA LYS B 116 -6.42 2.16 16.83
C LYS B 116 -5.24 2.88 16.18
N LYS B 117 -5.48 3.47 15.02
CA LYS B 117 -4.48 4.28 14.33
C LYS B 117 -3.12 3.61 14.08
N VAL B 118 -3.09 2.28 13.93
N VAL B 118 -3.12 2.29 13.92
CA VAL B 118 -1.79 1.62 13.76
CA VAL B 118 -1.88 1.57 13.62
C VAL B 118 -1.18 1.93 12.38
C VAL B 118 -1.24 2.15 12.36
N SER B 119 0.05 2.40 12.41
CA SER B 119 0.75 2.89 11.23
C SER B 119 0.99 1.77 10.21
N VAL B 120 1.35 0.59 10.69
CA VAL B 120 1.76 -0.49 9.79
C VAL B 120 0.90 -1.74 9.97
N LEU B 121 0.01 -1.96 9.00
CA LEU B 121 -0.83 -3.14 9.00
C LEU B 121 -0.43 -4.06 7.84
N PHE B 122 0.02 -5.27 8.15
CA PHE B 122 0.25 -6.27 7.11
C PHE B 122 -1.07 -6.97 6.79
N LEU B 123 -1.52 -6.86 5.54
CA LEU B 123 -2.71 -7.58 5.13
C LEU B 123 -2.23 -8.81 4.37
N TYR B 124 -2.43 -9.97 4.96
CA TYR B 124 -1.76 -11.18 4.45
C TYR B 124 -2.76 -12.27 4.11
N SER B 125 -2.66 -12.80 2.90
CA SER B 125 -3.52 -13.92 2.53
C SER B 125 -2.87 -15.22 2.95
N TYR B 126 -3.46 -15.93 3.91
CA TYR B 126 -2.90 -17.23 4.27
C TYR B 126 -3.17 -18.27 3.19
N ARG B 127 -4.05 -17.95 2.25
N ARG B 127 -4.10 -17.98 2.30
CA ARG B 127 -4.36 -18.87 1.17
CA ARG B 127 -4.32 -18.87 1.16
C ARG B 127 -3.37 -18.75 0.00
C ARG B 127 -3.14 -18.77 0.20
N ASP B 128 -2.85 -17.55 -0.23
CA ASP B 128 -1.91 -17.33 -1.33
C ASP B 128 -0.48 -17.02 -0.86
N ASP B 129 -0.30 -16.85 0.45
N ASP B 129 -0.28 -16.87 0.45
CA ASP B 129 0.99 -16.47 0.99
CA ASP B 129 1.02 -16.49 0.97
C ASP B 129 1.46 -15.15 0.38
C ASP B 129 1.45 -15.16 0.33
N TYR B 130 0.58 -14.15 0.41
CA TYR B 130 0.83 -12.85 -0.21
C TYR B 130 0.41 -11.74 0.74
N TYR B 131 1.24 -10.73 0.89
CA TYR B 131 0.88 -9.60 1.74
C TYR B 131 1.13 -8.28 1.03
N ARG B 132 0.42 -7.26 1.50
CA ARG B 132 0.66 -5.87 1.16
C ARG B 132 0.54 -5.14 2.46
N ILE B 133 1.18 -3.97 2.54
CA ILE B 133 1.16 -3.17 3.76
C ILE B 133 0.25 -1.97 3.61
N LEU B 134 -0.71 -1.84 4.52
CA LEU B 134 -1.61 -0.69 4.53
C LEU B 134 -1.03 0.33 5.49
N PHE B 135 -0.47 1.41 4.94
CA PHE B 135 0.10 2.47 5.77
C PHE B 135 -0.80 3.70 5.79
#